data_3DZV
#
_entry.id   3DZV
#
_cell.length_a   181.705
_cell.length_b   181.705
_cell.length_c   181.705
_cell.angle_alpha   90.000
_cell.angle_beta   90.000
_cell.angle_gamma   90.000
#
_symmetry.space_group_name_H-M   'I 21 3'
#
loop_
_entity.id
_entity.type
_entity.pdbx_description
1 polymer '4-methyl-5-(beta-hydroxyethyl)thiazole kinase'
2 non-polymer 'SULFATE ION'
3 non-polymer "ADENOSINE-5'-DIPHOSPHATE"
4 water water
#
_entity_poly.entity_id   1
_entity_poly.type   'polypeptide(L)'
_entity_poly.pdbx_seq_one_letter_code
;G(MSE)KTSVKFETIFPLTTAPLIQCITNEITCES(MSE)ANALLYIDAKPI(MSE)ADDPREFPQ(MSE)FQQTSALVL
NLGHLSQEREQSLLAASDYARQVNKLTVVDLVGYGASDIRNEVGEKLVHNQPTVVKGNLSE(MSE)RTFCQLVSHGRGVD
GSPLDQSEEAIEELIQALRQQTQKFPQTVFLATGIQDVLVSQEQVIVLQNGVPELDCFTGTGDLVGALVAALLGEGNAP
(MSE)TAAVAAVSYFNLCGEKAKTKSQGLADFRQNTLNQLSLL(MSE)KEKDWFEAVKGRVL
;
_entity_poly.pdbx_strand_id   A,B
#
# COMPACT_ATOMS: atom_id res chain seq x y z
N LYS A 3 -0.18 -7.80 43.61
CA LYS A 3 -0.88 -6.52 43.88
C LYS A 3 -0.94 -5.68 42.59
N THR A 4 -2.11 -5.65 41.96
CA THR A 4 -2.23 -5.09 40.61
C THR A 4 -3.62 -4.57 40.27
N SER A 5 -3.63 -3.58 39.39
CA SER A 5 -4.87 -2.99 38.90
C SER A 5 -5.54 -3.87 37.81
N VAL A 6 -4.82 -4.87 37.30
CA VAL A 6 -5.30 -5.70 36.17
C VAL A 6 -6.37 -6.73 36.60
N LYS A 7 -7.59 -6.58 36.06
CA LYS A 7 -8.77 -7.37 36.46
C LYS A 7 -8.85 -8.72 35.70
N PHE A 8 -7.91 -9.63 36.03
CA PHE A 8 -7.81 -10.98 35.43
C PHE A 8 -9.10 -11.83 35.37
N GLU A 9 -9.98 -11.68 36.37
CA GLU A 9 -11.20 -12.53 36.51
C GLU A 9 -12.03 -12.49 35.25
N THR A 10 -12.02 -11.33 34.63
CA THR A 10 -12.87 -10.99 33.50
C THR A 10 -12.26 -11.21 32.09
N ILE A 11 -10.96 -11.50 31.97
CA ILE A 11 -10.31 -11.60 30.67
C ILE A 11 -10.84 -12.76 29.86
N PHE A 12 -10.93 -13.93 30.49
CA PHE A 12 -11.43 -15.10 29.81
C PHE A 12 -12.77 -15.54 30.35
N PRO A 13 -13.59 -16.18 29.49
CA PRO A 13 -13.34 -16.45 28.08
C PRO A 13 -13.59 -15.22 27.21
N LEU A 14 -12.97 -15.18 26.04
CA LEU A 14 -13.27 -14.13 25.07
C LEU A 14 -14.68 -14.42 24.57
N THR A 15 -15.46 -13.36 24.41
CA THR A 15 -16.85 -13.51 23.97
C THR A 15 -17.18 -12.82 22.66
N THR A 16 -16.27 -12.03 22.08
CA THR A 16 -16.53 -11.34 20.79
C THR A 16 -15.94 -12.03 19.55
N ALA A 17 -15.29 -13.19 19.74
CA ALA A 17 -14.65 -13.94 18.65
C ALA A 17 -13.91 -13.00 17.72
N PRO A 18 -12.90 -12.30 18.23
CA PRO A 18 -12.27 -11.27 17.44
C PRO A 18 -11.43 -11.86 16.33
N LEU A 19 -11.50 -11.20 15.19
CA LEU A 19 -10.76 -11.60 14.02
C LEU A 19 -9.40 -10.91 14.09
N ILE A 20 -8.35 -11.73 14.17
CA ILE A 20 -6.98 -11.27 14.40
C ILE A 20 -6.17 -11.62 13.17
N GLN A 21 -5.70 -10.62 12.44
CA GLN A 21 -4.95 -10.86 11.21
C GLN A 21 -3.47 -10.95 11.53
N CYS A 22 -2.83 -12.01 11.06
CA CYS A 22 -1.43 -12.29 11.30
C CYS A 22 -0.57 -12.23 10.06
N ILE A 23 0.26 -11.20 10.01
CA ILE A 23 1.24 -11.06 8.95
C ILE A 23 2.49 -11.57 9.55
N THR A 24 2.66 -12.89 9.45
CA THR A 24 3.63 -13.60 10.27
C THR A 24 4.47 -14.59 9.45
N ASN A 25 5.47 -15.14 10.12
CA ASN A 25 6.42 -16.07 9.51
C ASN A 25 5.78 -17.43 9.24
N GLU A 26 6.40 -18.15 8.31
CA GLU A 26 5.93 -19.44 7.87
C GLU A 26 6.34 -20.57 8.83
N ILE A 27 7.15 -20.29 9.84
CA ILE A 27 7.63 -21.35 10.71
C ILE A 27 6.58 -21.74 11.74
N THR A 28 6.02 -20.74 12.42
CA THR A 28 5.17 -20.99 13.56
C THR A 28 3.70 -20.66 13.29
N CYS A 29 3.35 -20.39 12.03
CA CYS A 29 1.99 -19.96 11.75
C CYS A 29 0.89 -20.98 11.98
N GLU A 30 1.16 -22.27 11.82
CA GLU A 30 0.10 -23.27 12.08
C GLU A 30 -0.29 -23.21 13.57
N SER A 31 0.73 -23.18 14.41
CA SER A 31 0.56 -23.09 15.84
C SER A 31 0.02 -21.75 16.30
N ALA A 33 -2.14 -19.98 14.49
CA ALA A 33 -3.55 -20.08 14.15
C ALA A 33 -4.24 -20.94 15.20
N ASN A 34 -3.65 -22.09 15.54
CA ASN A 34 -4.28 -22.98 16.55
C ASN A 34 -4.44 -22.27 17.91
N ALA A 35 -3.37 -21.63 18.37
CA ALA A 35 -3.39 -20.86 19.64
C ALA A 35 -4.61 -19.95 19.70
N LEU A 36 -4.77 -19.14 18.66
CA LEU A 36 -5.84 -18.19 18.60
C LEU A 36 -7.19 -18.88 18.66
N LEU A 37 -7.32 -20.03 18.00
CA LEU A 37 -8.59 -20.76 18.02
C LEU A 37 -8.81 -21.37 19.40
N TYR A 38 -7.74 -21.87 20.00
CA TYR A 38 -7.86 -22.48 21.30
C TYR A 38 -8.35 -21.50 22.38
N ILE A 39 -8.21 -20.19 22.17
CA ILE A 39 -8.74 -19.22 23.14
C ILE A 39 -9.94 -18.47 22.58
N ASP A 40 -10.57 -19.05 21.55
CA ASP A 40 -11.77 -18.46 20.93
C ASP A 40 -11.58 -17.15 20.21
N ALA A 41 -10.40 -16.90 19.66
CA ALA A 41 -10.26 -15.83 18.68
C ALA A 41 -10.42 -16.49 17.33
N LYS A 42 -10.52 -15.69 16.29
CA LYS A 42 -10.65 -16.19 14.92
C LYS A 42 -9.43 -15.72 14.10
N PRO A 43 -8.49 -16.62 13.78
CA PRO A 43 -7.28 -16.19 13.06
C PRO A 43 -7.51 -16.01 11.58
N ILE A 44 -6.85 -15.02 10.99
CA ILE A 44 -6.78 -14.93 9.53
C ILE A 44 -5.34 -14.64 9.16
N ALA A 46 -3.91 -13.93 6.15
CA ALA A 46 -3.70 -13.24 4.87
C ALA A 46 -2.73 -12.06 4.94
N ASP A 47 -1.85 -11.96 3.95
CA ASP A 47 -0.86 -10.91 3.90
C ASP A 47 -0.61 -10.24 2.54
N ASP A 48 -1.50 -10.47 1.59
CA ASP A 48 -1.39 -9.80 0.29
C ASP A 48 -1.97 -8.42 0.41
N PRO A 49 -1.16 -7.39 0.16
CA PRO A 49 -1.64 -6.01 0.29
C PRO A 49 -2.87 -5.66 -0.50
N ARG A 50 -3.10 -6.38 -1.61
CA ARG A 50 -4.27 -6.13 -2.44
C ARG A 50 -5.56 -6.36 -1.70
N GLU A 51 -5.53 -7.17 -0.64
CA GLU A 51 -6.72 -7.42 0.15
C GLU A 51 -6.94 -6.44 1.28
N PHE A 52 -5.92 -5.64 1.61
CA PHE A 52 -5.96 -4.93 2.89
C PHE A 52 -7.22 -4.08 3.03
N PRO A 53 -7.55 -3.31 2.01
CA PRO A 53 -8.73 -2.48 2.19
C PRO A 53 -9.95 -3.26 2.67
N GLN A 54 -10.22 -4.39 2.06
CA GLN A 54 -11.39 -5.18 2.43
C GLN A 54 -11.20 -5.93 3.76
N PHE A 56 -9.21 -5.13 6.34
CA PHE A 56 -9.03 -4.29 7.53
C PHE A 56 -10.36 -3.82 8.07
N GLN A 57 -11.37 -3.76 7.21
CA GLN A 57 -12.73 -3.50 7.64
C GLN A 57 -13.27 -4.57 8.58
N GLN A 58 -12.79 -5.79 8.46
CA GLN A 58 -13.29 -6.92 9.23
C GLN A 58 -12.47 -7.30 10.44
N THR A 59 -11.20 -6.95 10.48
CA THR A 59 -10.31 -7.43 11.53
C THR A 59 -10.43 -6.55 12.77
N SER A 60 -10.18 -7.13 13.95
CA SER A 60 -10.22 -6.38 15.23
C SER A 60 -8.83 -6.00 15.70
N ALA A 61 -7.82 -6.77 15.32
CA ALA A 61 -6.43 -6.45 15.65
C ALA A 61 -5.48 -7.10 14.66
N LEU A 62 -4.23 -6.65 14.65
CA LEU A 62 -3.22 -7.06 13.66
C LEU A 62 -1.90 -7.49 14.32
N VAL A 63 -1.32 -8.59 13.87
CA VAL A 63 0.01 -8.99 14.32
C VAL A 63 0.97 -8.78 13.16
N LEU A 64 2.03 -8.00 13.39
CA LEU A 64 3.10 -7.80 12.43
C LEU A 64 4.36 -8.43 13.02
N ASN A 65 4.70 -9.62 12.55
CA ASN A 65 5.81 -10.44 13.09
C ASN A 65 6.99 -10.31 12.12
N LEU A 66 8.17 -9.97 12.64
CA LEU A 66 9.37 -9.68 11.82
C LEU A 66 10.10 -10.93 11.33
N GLY A 67 9.65 -12.10 11.75
CA GLY A 67 10.31 -13.34 11.46
C GLY A 67 10.39 -13.75 10.01
N HIS A 68 11.49 -14.40 9.65
CA HIS A 68 11.68 -14.99 8.33
C HIS A 68 11.43 -13.97 7.25
N LEU A 69 12.21 -12.91 7.33
CA LEU A 69 12.15 -11.80 6.40
C LEU A 69 12.48 -12.21 4.98
N SER A 70 11.85 -11.54 4.03
CA SER A 70 12.10 -11.71 2.60
C SER A 70 11.57 -10.45 1.89
N GLN A 71 11.81 -10.35 0.58
CA GLN A 71 11.35 -9.15 -0.09
CA GLN A 71 11.31 -9.23 -0.22
C GLN A 71 9.79 -9.13 -0.05
N GLU A 72 9.15 -10.29 -0.20
CA GLU A 72 7.69 -10.37 -0.19
C GLU A 72 7.17 -9.99 1.23
N ARG A 73 7.76 -10.57 2.27
CA ARG A 73 7.33 -10.27 3.65
C ARG A 73 7.61 -8.80 4.01
N GLU A 74 8.69 -8.25 3.49
CA GLU A 74 8.98 -6.86 3.71
C GLU A 74 7.87 -5.96 3.10
N GLN A 75 7.47 -6.22 1.86
CA GLN A 75 6.40 -5.41 1.25
C GLN A 75 5.14 -5.48 2.07
N SER A 76 4.77 -6.69 2.50
CA SER A 76 3.52 -6.89 3.27
C SER A 76 3.58 -6.16 4.57
N LEU A 77 4.70 -6.35 5.27
CA LEU A 77 4.85 -5.79 6.60
C LEU A 77 4.77 -4.26 6.56
N LEU A 78 5.53 -3.62 5.65
CA LEU A 78 5.54 -2.16 5.56
C LEU A 78 4.19 -1.60 5.07
N ALA A 79 3.59 -2.29 4.12
CA ALA A 79 2.27 -1.92 3.64
C ALA A 79 1.23 -1.99 4.78
N ALA A 80 1.22 -3.12 5.51
CA ALA A 80 0.27 -3.31 6.60
C ALA A 80 0.48 -2.32 7.74
N SER A 81 1.75 -2.02 8.02
CA SER A 81 2.09 -1.10 9.09
C SER A 81 1.61 0.32 8.74
N ASP A 82 1.85 0.77 7.50
CA ASP A 82 1.39 2.10 7.09
C ASP A 82 -0.10 2.15 7.18
N TYR A 83 -0.75 1.13 6.64
CA TYR A 83 -2.20 1.12 6.55
C TYR A 83 -2.87 1.04 7.92
N ALA A 84 -2.28 0.23 8.81
CA ALA A 84 -2.76 0.09 10.18
C ALA A 84 -2.72 1.44 10.86
N ARG A 85 -1.65 2.22 10.61
CA ARG A 85 -1.54 3.60 11.11
C ARG A 85 -2.62 4.48 10.49
N GLN A 86 -2.81 4.41 9.15
CA GLN A 86 -3.82 5.24 8.52
C GLN A 86 -5.20 5.00 9.12
N VAL A 87 -5.55 3.76 9.42
CA VAL A 87 -6.92 3.47 9.93
C VAL A 87 -6.99 3.17 11.43
N ASN A 88 -5.93 3.44 12.17
CA ASN A 88 -5.92 3.14 13.61
C ASN A 88 -6.29 1.74 13.99
N LYS A 89 -5.72 0.74 13.31
CA LYS A 89 -5.91 -0.65 13.67
C LYS A 89 -5.03 -0.97 14.86
N LEU A 90 -5.59 -1.60 15.88
CA LEU A 90 -4.80 -2.06 17.00
C LEU A 90 -3.78 -3.06 16.45
N THR A 91 -2.53 -2.93 16.86
CA THR A 91 -1.42 -3.59 16.21
C THR A 91 -0.37 -4.02 17.21
N VAL A 92 0.05 -5.28 17.11
CA VAL A 92 1.18 -5.80 17.87
C VAL A 92 2.35 -6.03 16.92
N VAL A 93 3.47 -5.36 17.16
CA VAL A 93 4.70 -5.56 16.39
C VAL A 93 5.64 -6.44 17.20
N ASP A 94 6.06 -7.55 16.61
CA ASP A 94 6.92 -8.56 17.28
C ASP A 94 8.27 -8.54 16.57
N LEU A 95 9.29 -8.05 17.25
CA LEU A 95 10.58 -7.79 16.61
C LEU A 95 11.48 -9.05 16.58
N VAL A 96 10.93 -10.14 16.04
CA VAL A 96 11.61 -11.42 15.97
C VAL A 96 12.88 -11.20 15.16
N GLY A 97 14.01 -11.49 15.79
CA GLY A 97 15.28 -11.41 15.08
C GLY A 97 15.91 -10.04 15.03
N TYR A 98 15.31 -9.06 15.67
CA TYR A 98 15.91 -7.73 15.65
C TYR A 98 17.34 -7.83 16.16
N GLY A 99 18.26 -7.20 15.47
CA GLY A 99 19.67 -7.32 15.79
C GLY A 99 20.40 -8.34 14.92
N ALA A 100 19.69 -9.25 14.28
CA ALA A 100 20.35 -10.27 13.45
C ALA A 100 21.04 -9.64 12.23
N SER A 101 20.43 -8.61 11.65
CA SER A 101 20.95 -8.03 10.42
C SER A 101 20.45 -6.61 10.29
N ASP A 102 21.10 -5.83 9.44
CA ASP A 102 20.70 -4.45 9.19
C ASP A 102 19.31 -4.37 8.59
N ILE A 103 19.03 -5.29 7.69
CA ILE A 103 17.82 -5.25 6.94
C ILE A 103 16.64 -5.50 7.88
N ARG A 104 16.77 -6.48 8.77
CA ARG A 104 15.75 -6.67 9.82
C ARG A 104 15.54 -5.43 10.67
N ASN A 105 16.64 -4.81 11.09
CA ASN A 105 16.57 -3.60 11.91
C ASN A 105 15.86 -2.45 11.20
N GLU A 106 16.19 -2.27 9.93
CA GLU A 106 15.56 -1.22 9.16
C GLU A 106 14.06 -1.46 9.09
N VAL A 107 13.64 -2.69 8.82
CA VAL A 107 12.21 -2.96 8.71
C VAL A 107 11.56 -2.77 10.09
N GLY A 108 12.18 -3.37 11.09
CA GLY A 108 11.71 -3.25 12.46
C GLY A 108 11.51 -1.80 12.90
N GLU A 109 12.50 -0.95 12.65
CA GLU A 109 12.43 0.45 13.06
C GLU A 109 11.24 1.13 12.42
N LYS A 110 10.96 0.77 11.16
CA LYS A 110 9.85 1.36 10.42
C LYS A 110 8.52 0.95 11.02
N LEU A 111 8.41 -0.30 11.44
CA LEU A 111 7.17 -0.73 12.07
C LEU A 111 6.92 0.06 13.36
N VAL A 112 7.94 0.22 14.19
CA VAL A 112 7.80 0.91 15.48
C VAL A 112 7.54 2.38 15.24
N HIS A 113 8.11 2.93 14.17
CA HIS A 113 7.89 4.35 13.87
C HIS A 113 6.42 4.65 13.55
N ASN A 114 5.69 3.68 13.02
CA ASN A 114 4.25 3.83 12.82
C ASN A 114 3.41 3.70 14.10
N GLN A 115 4.08 3.55 15.24
CA GLN A 115 3.41 3.71 16.54
C GLN A 115 2.33 2.68 16.79
N PRO A 116 2.71 1.42 16.86
CA PRO A 116 1.76 0.38 17.13
C PRO A 116 1.30 0.37 18.59
N THR A 117 0.26 -0.41 18.87
CA THR A 117 -0.28 -0.52 20.22
C THR A 117 0.71 -1.19 21.17
N VAL A 118 1.38 -2.24 20.68
CA VAL A 118 2.37 -2.96 21.45
C VAL A 118 3.60 -3.31 20.59
N VAL A 119 4.79 -3.13 21.16
CA VAL A 119 6.03 -3.62 20.56
C VAL A 119 6.61 -4.64 21.54
N LYS A 120 7.07 -5.74 20.99
CA LYS A 120 7.36 -6.93 21.74
C LYS A 120 8.63 -7.57 21.20
N GLY A 121 9.40 -8.19 22.08
CA GLY A 121 10.53 -9.00 21.67
C GLY A 121 11.12 -9.69 22.88
N ASN A 122 12.19 -10.43 22.69
CA ASN A 122 12.85 -10.99 23.84
C ASN A 122 13.88 -9.99 24.35
N LEU A 123 14.53 -10.34 25.45
CA LEU A 123 15.42 -9.39 26.12
C LEU A 123 16.50 -8.92 25.18
N SER A 124 17.03 -9.85 24.41
CA SER A 124 18.14 -9.55 23.55
C SER A 124 17.71 -8.57 22.46
N GLU A 125 16.60 -8.88 21.81
CA GLU A 125 16.06 -8.05 20.74
C GLU A 125 15.74 -6.65 21.24
N ARG A 127 16.83 -5.13 23.99
CA ARG A 127 18.00 -4.41 24.42
C ARG A 127 18.64 -3.78 23.20
N THR A 128 18.79 -4.59 22.14
CA THR A 128 19.39 -4.14 20.89
C THR A 128 18.57 -2.99 20.31
N PHE A 129 17.24 -3.12 20.35
CA PHE A 129 16.39 -2.02 19.91
C PHE A 129 16.69 -0.73 20.67
N CYS A 130 16.89 -0.84 21.98
CA CYS A 130 17.27 0.31 22.81
C CYS A 130 18.72 0.70 22.70
N GLN A 131 19.46 0.10 21.77
CA GLN A 131 20.88 0.41 21.58
C GLN A 131 21.69 0.09 22.83
N LEU A 132 21.36 -1.01 23.51
CA LEU A 132 22.18 -1.50 24.63
C LEU A 132 23.01 -2.67 24.14
N VAL A 133 24.10 -2.99 24.85
CA VAL A 133 24.89 -4.17 24.50
C VAL A 133 24.11 -5.44 24.90
N SER A 134 24.36 -6.55 24.22
CA SER A 134 23.62 -7.80 24.44
C SER A 134 24.57 -9.00 24.69
N HIS A 135 24.86 -9.29 25.96
CA HIS A 135 25.94 -10.24 26.35
C HIS A 135 25.45 -11.70 26.47
N PRO A 143 21.48 -15.54 31.71
CA PRO A 143 22.44 -14.65 31.05
C PRO A 143 22.78 -13.42 31.92
N LEU A 144 23.94 -12.80 31.66
CA LEU A 144 24.36 -11.58 32.38
C LEU A 144 23.28 -10.49 32.29
N ASP A 145 22.60 -10.45 31.13
CA ASP A 145 21.57 -9.45 30.83
C ASP A 145 20.24 -9.62 31.58
N GLN A 146 20.02 -10.77 32.24
CA GLN A 146 18.84 -11.00 33.10
C GLN A 146 19.10 -10.59 34.58
N SER A 147 20.27 -10.01 34.88
CA SER A 147 20.59 -9.54 36.23
C SER A 147 19.73 -8.36 36.65
N GLU A 148 19.64 -8.11 37.96
CA GLU A 148 18.87 -6.96 38.46
C GLU A 148 19.39 -5.64 37.95
N GLU A 149 20.67 -5.58 37.67
CA GLU A 149 21.27 -4.37 37.10
C GLU A 149 20.77 -4.19 35.67
N ALA A 150 20.92 -5.25 34.88
CA ALA A 150 20.55 -5.21 33.48
C ALA A 150 19.05 -4.99 33.28
N ILE A 151 18.21 -5.60 34.12
CA ILE A 151 16.77 -5.33 34.07
C ILE A 151 16.48 -3.85 34.31
N GLU A 152 17.13 -3.25 35.31
CA GLU A 152 16.89 -1.84 35.64
C GLU A 152 17.37 -0.94 34.47
N GLU A 153 18.47 -1.35 33.83
CA GLU A 153 19.00 -0.66 32.65
C GLU A 153 17.99 -0.66 31.47
N LEU A 154 17.41 -1.82 31.21
CA LEU A 154 16.39 -1.98 30.17
C LEU A 154 15.12 -1.22 30.51
N ILE A 155 14.70 -1.21 31.77
CA ILE A 155 13.51 -0.49 32.17
C ILE A 155 13.69 1.00 31.84
N GLN A 156 14.86 1.51 32.12
CA GLN A 156 15.10 2.90 31.91
C GLN A 156 15.13 3.20 30.41
N ALA A 157 15.80 2.31 29.66
CA ALA A 157 15.88 2.42 28.21
C ALA A 157 14.49 2.42 27.59
N LEU A 158 13.63 1.52 28.07
CA LEU A 158 12.27 1.40 27.52
C LEU A 158 11.43 2.63 27.90
N ARG A 159 11.70 3.21 29.07
CA ARG A 159 10.99 4.41 29.48
C ARG A 159 11.36 5.60 28.61
N GLN A 160 12.61 5.64 28.18
CA GLN A 160 13.03 6.62 27.22
C GLN A 160 12.38 6.42 25.86
N GLN A 161 12.08 5.17 25.51
CA GLN A 161 11.41 4.93 24.25
C GLN A 161 9.96 5.34 24.31
N THR A 162 9.28 5.07 25.42
CA THR A 162 7.87 5.42 25.54
C THR A 162 7.69 6.96 25.52
N GLN A 163 8.73 7.72 25.83
CA GLN A 163 8.70 9.16 25.60
C GLN A 163 8.59 9.49 24.10
N LYS A 164 9.32 8.79 23.20
CA LYS A 164 9.15 8.97 21.75
C LYS A 164 7.89 8.31 21.24
N PHE A 165 7.45 7.23 21.89
CA PHE A 165 6.30 6.44 21.42
C PHE A 165 5.29 6.32 22.53
N PRO A 166 4.70 7.46 22.91
CA PRO A 166 3.86 7.53 24.10
C PRO A 166 2.55 6.79 24.04
N GLN A 167 2.18 6.27 22.89
CA GLN A 167 0.97 5.47 22.77
C GLN A 167 1.28 3.99 22.58
N THR A 168 2.49 3.59 22.92
CA THR A 168 2.95 2.23 22.66
C THR A 168 3.40 1.60 23.97
N VAL A 169 2.97 0.36 24.21
CA VAL A 169 3.47 -0.43 25.30
C VAL A 169 4.55 -1.37 24.78
N PHE A 170 5.66 -1.46 25.51
CA PHE A 170 6.79 -2.32 25.17
C PHE A 170 6.85 -3.55 26.07
N LEU A 171 7.08 -4.73 25.48
CA LEU A 171 7.18 -6.02 26.22
C LEU A 171 8.50 -6.70 25.86
N ALA A 172 9.32 -6.98 26.87
CA ALA A 172 10.54 -7.76 26.67
C ALA A 172 10.34 -9.05 27.44
N THR A 173 10.46 -10.17 26.75
CA THR A 173 10.22 -11.46 27.36
C THR A 173 11.52 -12.11 27.80
N GLY A 174 11.40 -12.92 28.85
CA GLY A 174 12.52 -13.67 29.42
C GLY A 174 12.17 -14.41 30.71
N ILE A 175 13.20 -14.81 31.45
CA ILE A 175 12.96 -15.47 32.73
C ILE A 175 11.99 -14.58 33.50
N GLN A 176 12.30 -13.29 33.56
CA GLN A 176 11.36 -12.28 34.00
C GLN A 176 10.95 -11.49 32.76
N ASP A 177 9.69 -11.10 32.69
CA ASP A 177 9.20 -10.29 31.59
C ASP A 177 9.11 -8.84 32.03
N VAL A 178 9.52 -7.91 31.17
CA VAL A 178 9.51 -6.49 31.48
C VAL A 178 8.50 -5.80 30.57
N LEU A 179 7.48 -5.19 31.17
CA LEU A 179 6.49 -4.39 30.45
C LEU A 179 6.60 -2.90 30.86
N VAL A 180 6.71 -2.02 29.85
CA VAL A 180 6.87 -0.60 30.07
C VAL A 180 5.89 0.20 29.22
N SER A 181 5.19 1.13 29.85
CA SER A 181 4.38 2.12 29.15
C SER A 181 4.71 3.49 29.74
N GLN A 182 4.07 4.54 29.24
CA GLN A 182 4.26 5.88 29.79
C GLN A 182 3.71 5.96 31.20
N GLU A 183 2.78 5.06 31.53
CA GLU A 183 2.11 5.05 32.83
C GLU A 183 2.61 4.03 33.84
N GLN A 184 3.10 2.88 33.39
CA GLN A 184 3.47 1.80 34.31
C GLN A 184 4.73 1.02 33.93
N VAL A 185 5.43 0.52 34.93
CA VAL A 185 6.48 -0.48 34.73
C VAL A 185 6.08 -1.73 35.50
N ILE A 186 5.96 -2.86 34.82
CA ILE A 186 5.59 -4.14 35.44
C ILE A 186 6.64 -5.22 35.13
N VAL A 187 7.04 -5.96 36.15
CA VAL A 187 7.88 -7.13 35.96
C VAL A 187 7.08 -8.39 36.34
N LEU A 188 7.07 -9.37 35.42
CA LEU A 188 6.36 -10.63 35.60
C LEU A 188 7.35 -11.78 35.75
N GLN A 189 6.98 -12.79 36.56
CA GLN A 189 7.89 -13.90 36.91
C GLN A 189 7.20 -15.24 36.90
N ASN A 190 6.45 -15.52 35.85
CA ASN A 190 5.87 -16.83 35.67
C ASN A 190 6.59 -17.60 34.59
N GLY A 191 6.13 -18.84 34.38
CA GLY A 191 6.65 -19.68 33.28
C GLY A 191 7.70 -20.67 33.73
N VAL A 192 8.23 -21.43 32.81
CA VAL A 192 9.26 -22.41 33.11
C VAL A 192 10.28 -22.35 31.97
N PRO A 193 11.52 -22.80 32.21
CA PRO A 193 12.58 -22.68 31.18
C PRO A 193 12.32 -23.50 29.92
N GLU A 194 11.49 -24.53 30.02
CA GLU A 194 11.15 -25.34 28.85
C GLU A 194 10.39 -24.54 27.77
N LEU A 195 9.83 -23.40 28.15
CA LEU A 195 9.18 -22.51 27.19
C LEU A 195 10.15 -21.91 26.20
N ASP A 196 11.45 -22.13 26.40
CA ASP A 196 12.44 -21.84 25.34
C ASP A 196 12.79 -23.00 24.49
N CYS A 197 12.16 -24.14 24.69
CA CYS A 197 12.61 -25.38 24.05
C CYS A 197 11.63 -25.96 23.06
N PHE A 198 10.66 -25.14 22.65
CA PHE A 198 9.98 -25.40 21.38
C PHE A 198 9.78 -24.11 20.66
N THR A 199 9.57 -24.22 19.35
CA THR A 199 9.54 -23.04 18.52
C THR A 199 8.20 -22.35 18.66
N GLY A 200 8.23 -21.02 18.71
CA GLY A 200 7.04 -20.16 18.58
C GLY A 200 6.39 -19.62 19.85
N THR A 201 7.02 -19.84 21.01
CA THR A 201 6.39 -19.40 22.25
C THR A 201 6.25 -17.87 22.24
N GLY A 202 7.33 -17.19 21.82
CA GLY A 202 7.29 -15.74 21.65
C GLY A 202 6.25 -15.28 20.64
N ASP A 203 6.25 -15.92 19.46
CA ASP A 203 5.29 -15.64 18.39
C ASP A 203 3.86 -15.76 18.90
N LEU A 204 3.59 -16.86 19.62
CA LEU A 204 2.22 -17.08 20.14
C LEU A 204 1.85 -16.06 21.22
N VAL A 205 2.81 -15.66 22.03
CA VAL A 205 2.52 -14.60 23.01
C VAL A 205 2.09 -13.30 22.29
N GLY A 206 2.77 -12.99 21.19
CA GLY A 206 2.35 -11.88 20.35
C GLY A 206 0.91 -11.98 19.88
N ALA A 207 0.54 -13.17 19.42
CA ALA A 207 -0.81 -13.38 18.89
C ALA A 207 -1.82 -13.28 20.04
N LEU A 208 -1.48 -13.82 21.22
CA LEU A 208 -2.39 -13.74 22.36
C LEU A 208 -2.64 -12.30 22.78
N VAL A 209 -1.59 -11.49 22.82
CA VAL A 209 -1.77 -10.05 23.09
C VAL A 209 -2.73 -9.42 22.09
N ALA A 210 -2.51 -9.68 20.80
CA ALA A 210 -3.40 -9.13 19.80
C ALA A 210 -4.84 -9.58 20.07
N ALA A 211 -5.01 -10.85 20.45
CA ALA A 211 -6.33 -11.41 20.67
C ALA A 211 -7.02 -10.62 21.78
N LEU A 212 -6.30 -10.35 22.87
CA LEU A 212 -6.91 -9.63 23.99
C LEU A 212 -7.19 -8.18 23.60
N LEU A 213 -6.28 -7.54 22.87
CA LEU A 213 -6.55 -6.20 22.34
C LEU A 213 -7.81 -6.21 21.49
N GLY A 214 -7.97 -7.21 20.65
CA GLY A 214 -9.14 -7.28 19.78
C GLY A 214 -10.45 -7.52 20.50
N GLU A 215 -10.39 -8.24 21.61
CA GLU A 215 -11.55 -8.46 22.45
C GLU A 215 -11.99 -7.15 23.10
N GLY A 216 -11.08 -6.20 23.25
CA GLY A 216 -11.41 -4.92 23.84
C GLY A 216 -10.62 -4.47 25.08
N ASN A 217 -9.64 -5.25 25.53
CA ASN A 217 -8.86 -4.91 26.71
C ASN A 217 -7.85 -3.77 26.46
N ALA A 218 -7.56 -3.01 27.50
CA ALA A 218 -6.54 -1.97 27.41
C ALA A 218 -5.19 -2.59 27.10
N PRO A 219 -4.29 -1.86 26.43
CA PRO A 219 -2.99 -2.44 26.06
C PRO A 219 -2.17 -3.10 27.17
N THR A 221 -3.13 -4.19 29.99
CA THR A 221 -3.92 -5.35 30.42
C THR A 221 -3.76 -6.53 29.47
N ALA A 222 -3.87 -6.23 28.17
CA ALA A 222 -3.70 -7.24 27.14
C ALA A 222 -2.33 -7.92 27.28
N ALA A 223 -1.29 -7.09 27.43
CA ALA A 223 0.08 -7.61 27.50
C ALA A 223 0.30 -8.46 28.76
N VAL A 224 -0.13 -7.95 29.90
CA VAL A 224 0.07 -8.62 31.19
C VAL A 224 -0.69 -9.93 31.24
N ALA A 225 -1.96 -9.91 30.81
CA ALA A 225 -2.80 -11.13 30.79
C ALA A 225 -2.32 -12.19 29.78
N ALA A 226 -1.91 -11.75 28.60
CA ALA A 226 -1.46 -12.69 27.58
C ALA A 226 -0.20 -13.41 28.04
N VAL A 227 0.76 -12.65 28.51
CA VAL A 227 2.02 -13.23 28.99
C VAL A 227 1.78 -14.14 30.19
N SER A 228 0.96 -13.68 31.11
CA SER A 228 0.68 -14.44 32.34
C SER A 228 -0.04 -15.74 32.00
N TYR A 229 -1.07 -15.65 31.18
CA TYR A 229 -1.84 -16.83 30.85
C TYR A 229 -0.97 -17.86 30.15
N PHE A 230 -0.20 -17.43 29.17
CA PHE A 230 0.62 -18.37 28.40
C PHE A 230 1.66 -19.00 29.32
N ASN A 231 2.28 -18.19 30.15
CA ASN A 231 3.32 -18.71 31.03
C ASN A 231 2.77 -19.65 32.10
N LEU A 232 1.55 -19.40 32.56
CA LEU A 232 0.91 -20.29 33.53
C LEU A 232 0.46 -21.57 32.83
N CYS A 233 0.14 -21.50 31.54
CA CYS A 233 -0.12 -22.74 30.79
C CYS A 233 1.12 -23.60 30.76
N GLY A 234 2.28 -22.96 30.60
CA GLY A 234 3.55 -23.68 30.69
C GLY A 234 3.77 -24.34 32.06
N GLU A 235 3.50 -23.59 33.14
CA GLU A 235 3.70 -24.09 34.49
C GLU A 235 2.88 -25.36 34.72
N LYS A 236 1.60 -25.34 34.35
CA LYS A 236 0.71 -26.52 34.42
C LYS A 236 1.21 -27.63 33.56
N ALA A 237 1.62 -27.29 32.34
CA ALA A 237 2.08 -28.29 31.39
C ALA A 237 3.29 -29.03 31.91
N LYS A 238 4.21 -28.32 32.56
CA LYS A 238 5.40 -28.98 33.11
C LYS A 238 5.03 -30.07 34.11
N THR A 239 4.06 -29.80 34.97
CA THR A 239 3.65 -30.81 35.93
C THR A 239 3.06 -32.06 35.27
N LYS A 240 2.50 -31.97 34.06
CA LYS A 240 1.86 -33.13 33.42
C LYS A 240 2.74 -33.84 32.36
N SER A 241 3.98 -33.42 32.15
CA SER A 241 4.69 -33.71 30.89
C SER A 241 5.98 -34.42 31.10
N GLN A 242 6.33 -35.32 30.19
CA GLN A 242 7.67 -35.89 30.17
C GLN A 242 8.22 -35.92 28.76
N GLY A 243 9.29 -35.17 28.53
CA GLY A 243 9.77 -34.90 27.17
C GLY A 243 9.29 -33.56 26.65
N LEU A 244 10.07 -32.97 25.75
CA LEU A 244 9.77 -31.62 25.26
C LEU A 244 8.59 -31.59 24.27
N ALA A 245 8.54 -32.54 23.33
CA ALA A 245 7.36 -32.63 22.43
C ALA A 245 6.09 -32.70 23.27
N ASP A 246 6.13 -33.54 24.30
CA ASP A 246 4.99 -33.73 25.17
C ASP A 246 4.69 -32.44 25.94
N PHE A 247 5.72 -31.79 26.45
CA PHE A 247 5.58 -30.48 27.11
C PHE A 247 4.95 -29.41 26.21
N ARG A 248 5.38 -29.38 24.96
CA ARG A 248 4.78 -28.48 23.97
C ARG A 248 3.30 -28.78 23.80
N GLN A 249 2.98 -30.03 23.55
CA GLN A 249 1.61 -30.43 23.32
C GLN A 249 0.75 -30.00 24.48
N ASN A 250 1.24 -30.21 25.70
CA ASN A 250 0.43 -29.88 26.88
C ASN A 250 0.29 -28.40 27.12
N THR A 251 1.33 -27.63 26.81
CA THR A 251 1.22 -26.17 26.90
C THR A 251 0.11 -25.69 25.96
N LEU A 252 0.11 -26.18 24.73
CA LEU A 252 -0.87 -25.75 23.75
C LEU A 252 -2.25 -26.18 24.17
N ASN A 253 -2.32 -27.38 24.77
CA ASN A 253 -3.59 -27.90 25.27
C ASN A 253 -4.13 -27.04 26.40
N GLN A 254 -3.24 -26.64 27.31
CA GLN A 254 -3.67 -25.79 28.41
C GLN A 254 -4.26 -24.47 27.96
N LEU A 255 -3.85 -23.96 26.81
CA LEU A 255 -4.46 -22.73 26.33
C LEU A 255 -5.99 -22.84 26.37
N SER A 256 -6.54 -23.99 26.04
CA SER A 256 -7.99 -24.16 26.07
C SER A 256 -8.56 -24.62 27.43
N LEU A 257 -7.70 -25.03 28.38
CA LEU A 257 -8.20 -25.59 29.64
C LEU A 257 -8.00 -24.67 30.84
N LEU A 258 -6.82 -24.09 30.98
CA LEU A 258 -6.48 -23.33 32.21
C LEU A 258 -7.54 -22.29 32.53
N LYS A 260 -10.65 -22.48 32.24
CA LYS A 260 -11.80 -23.02 32.91
C LYS A 260 -11.64 -23.04 34.43
N GLU A 261 -10.42 -22.97 34.96
CA GLU A 261 -10.25 -22.83 36.41
C GLU A 261 -10.58 -21.41 36.85
N LYS A 262 -11.65 -21.25 37.64
CA LYS A 262 -12.14 -19.92 38.09
C LYS A 262 -11.01 -19.01 38.63
N ASP A 263 -9.94 -19.60 39.16
CA ASP A 263 -8.90 -18.85 39.85
C ASP A 263 -7.48 -19.08 39.32
N TRP A 264 -7.35 -19.35 38.01
CA TRP A 264 -6.03 -19.58 37.41
C TRP A 264 -5.02 -18.46 37.69
N PHE A 265 -5.52 -17.21 37.67
CA PHE A 265 -4.70 -16.01 37.82
C PHE A 265 -4.16 -15.79 39.23
N GLU A 266 -4.64 -16.58 40.19
CA GLU A 266 -4.05 -16.55 41.51
C GLU A 266 -2.59 -16.97 41.50
N ALA A 267 -2.15 -17.69 40.48
CA ALA A 267 -0.76 -18.12 40.38
C ALA A 267 0.16 -17.04 39.81
N VAL A 268 -0.38 -15.90 39.40
CA VAL A 268 0.47 -14.86 38.80
C VAL A 268 1.52 -14.28 39.79
N LYS A 269 2.78 -14.22 39.39
CA LYS A 269 3.83 -13.61 40.20
C LYS A 269 4.35 -12.38 39.46
N GLY A 270 4.28 -11.20 40.08
CA GLY A 270 4.94 -10.03 39.52
C GLY A 270 4.68 -8.73 40.26
N ARG A 271 5.60 -7.79 40.14
CA ARG A 271 5.51 -6.49 40.82
C ARG A 271 5.10 -5.40 39.79
N VAL A 272 4.28 -4.45 40.22
CA VAL A 272 4.21 -3.13 39.57
C VAL A 272 5.23 -2.26 40.26
N LEU A 273 6.26 -1.81 39.54
CA LEU A 273 7.33 -0.99 40.12
C LEU A 273 6.99 0.50 40.07
N LYS B 3 -14.08 27.06 -32.34
CA LYS B 3 -14.82 27.95 -31.40
C LYS B 3 -14.87 27.24 -30.03
N THR B 4 -14.13 27.81 -29.07
CA THR B 4 -13.79 27.10 -27.86
C THR B 4 -13.63 27.96 -26.61
N SER B 5 -14.02 27.35 -25.50
CA SER B 5 -13.77 27.85 -24.18
C SER B 5 -12.27 27.67 -23.77
N VAL B 6 -11.64 26.54 -24.15
CA VAL B 6 -10.20 26.24 -23.83
C VAL B 6 -9.13 27.31 -24.26
N LYS B 7 -8.57 28.05 -23.28
CA LYS B 7 -7.65 29.18 -23.55
C LYS B 7 -6.18 28.73 -23.84
N PHE B 8 -6.01 28.09 -25.01
CA PHE B 8 -4.71 27.60 -25.54
C PHE B 8 -3.48 28.55 -25.40
N GLU B 9 -3.70 29.87 -25.56
CA GLU B 9 -2.61 30.86 -25.62
C GLU B 9 -1.65 30.65 -24.44
N THR B 10 -2.23 30.38 -23.28
CA THR B 10 -1.53 30.39 -22.01
C THR B 10 -1.11 29.00 -21.47
N ILE B 11 -1.38 27.93 -22.23
CA ILE B 11 -0.95 26.60 -21.80
C ILE B 11 0.57 26.53 -21.69
N PHE B 12 1.26 26.91 -22.77
CA PHE B 12 2.72 26.84 -22.81
C PHE B 12 3.37 28.21 -22.78
N PRO B 13 4.57 28.28 -22.21
CA PRO B 13 5.39 27.18 -21.67
C PRO B 13 5.00 26.89 -20.23
N LEU B 14 5.28 25.69 -19.76
CA LEU B 14 5.02 25.34 -18.37
C LEU B 14 6.03 26.10 -17.53
N THR B 15 5.57 26.68 -16.44
CA THR B 15 6.43 27.49 -15.60
C THR B 15 6.67 26.87 -14.23
N THR B 16 5.85 25.90 -13.81
CA THR B 16 6.01 25.31 -12.46
C THR B 16 6.89 24.05 -12.37
N ALA B 17 7.45 23.60 -13.51
CA ALA B 17 8.29 22.41 -13.56
C ALA B 17 7.68 21.21 -12.80
N PRO B 18 6.43 20.85 -13.14
CA PRO B 18 5.71 19.92 -12.28
C PRO B 18 6.32 18.52 -12.30
N LEU B 19 6.38 17.92 -11.13
CA LEU B 19 6.95 16.61 -10.98
C LEU B 19 5.86 15.59 -11.26
N ILE B 20 6.04 14.79 -12.31
CA ILE B 20 5.03 13.87 -12.83
C ILE B 20 5.49 12.44 -12.67
N GLN B 21 4.82 11.69 -11.80
CA GLN B 21 5.26 10.34 -11.51
C GLN B 21 4.60 9.35 -12.46
N CYS B 22 5.43 8.56 -13.15
CA CYS B 22 4.94 7.60 -14.12
C CYS B 22 5.11 6.16 -13.67
N ILE B 23 3.97 5.53 -13.38
CA ILE B 23 3.96 4.11 -13.10
C ILE B 23 3.57 3.48 -14.40
N THR B 24 4.58 3.18 -15.20
CA THR B 24 4.39 2.91 -16.64
C THR B 24 5.16 1.67 -17.14
N ASN B 25 4.88 1.33 -18.38
CA ASN B 25 5.48 0.18 -19.01
C ASN B 25 6.91 0.43 -19.45
N GLU B 26 7.67 -0.64 -19.54
CA GLU B 26 9.08 -0.60 -19.84
C GLU B 26 9.33 -0.36 -21.33
N ILE B 27 8.32 -0.41 -22.18
CA ILE B 27 8.59 -0.27 -23.62
C ILE B 27 8.87 1.19 -23.94
N THR B 28 7.99 2.08 -23.50
CA THR B 28 8.04 3.43 -23.99
C THR B 28 8.54 4.42 -22.97
N CYS B 29 9.03 3.92 -21.84
CA CYS B 29 9.33 4.83 -20.75
C CYS B 29 10.47 5.80 -21.01
N GLU B 30 11.46 5.45 -21.82
CA GLU B 30 12.55 6.40 -22.08
C GLU B 30 11.99 7.63 -22.80
N SER B 31 11.18 7.38 -23.82
CA SER B 31 10.50 8.41 -24.57
C SER B 31 9.46 9.14 -23.75
N ALA B 33 9.83 9.78 -20.58
CA ALA B 33 10.66 10.66 -19.76
C ALA B 33 11.14 11.83 -20.62
N ASN B 34 11.63 11.55 -21.83
CA ASN B 34 12.06 12.62 -22.74
C ASN B 34 10.91 13.60 -23.11
N ALA B 35 9.74 13.06 -23.49
CA ALA B 35 8.60 13.94 -23.83
C ALA B 35 8.33 14.92 -22.69
N LEU B 36 8.33 14.41 -21.47
CA LEU B 36 8.02 15.26 -20.35
C LEU B 36 9.08 16.36 -20.21
N LEU B 37 10.35 16.00 -20.33
CA LEU B 37 11.42 16.98 -20.20
C LEU B 37 11.34 18.02 -21.35
N TYR B 38 10.99 17.55 -22.54
CA TYR B 38 10.92 18.40 -23.71
C TYR B 38 9.84 19.48 -23.58
N ILE B 39 8.88 19.32 -22.67
CA ILE B 39 7.90 20.39 -22.43
C ILE B 39 8.08 21.03 -21.04
N ASP B 40 9.27 20.84 -20.46
CA ASP B 40 9.62 21.37 -19.15
C ASP B 40 8.81 20.84 -17.98
N ALA B 41 8.39 19.57 -18.03
CA ALA B 41 7.93 18.88 -16.84
C ALA B 41 9.14 18.13 -16.27
N LYS B 42 9.00 17.59 -15.07
CA LYS B 42 10.09 16.83 -14.46
C LYS B 42 9.58 15.38 -14.21
N PRO B 43 10.06 14.40 -14.99
CA PRO B 43 9.53 13.06 -14.83
C PRO B 43 10.22 12.30 -13.72
N ILE B 44 9.46 11.48 -13.01
CA ILE B 44 10.01 10.54 -12.04
C ILE B 44 9.30 9.20 -12.33
N ALA B 46 9.61 6.27 -10.73
CA ALA B 46 9.63 5.33 -9.62
C ALA B 46 8.26 4.69 -9.38
N ASP B 47 8.27 3.39 -9.09
CA ASP B 47 7.06 2.64 -8.88
C ASP B 47 7.05 1.65 -7.70
N ASP B 48 8.07 1.67 -6.84
CA ASP B 48 8.11 0.84 -5.64
C ASP B 48 7.17 1.43 -4.60
N PRO B 49 6.13 0.68 -4.22
CA PRO B 49 5.21 1.16 -3.20
C PRO B 49 5.85 1.63 -1.92
N ARG B 50 7.00 1.07 -1.54
CA ARG B 50 7.62 1.51 -0.30
C ARG B 50 8.03 2.99 -0.32
N GLU B 51 8.23 3.57 -1.49
CA GLU B 51 8.54 5.00 -1.60
C GLU B 51 7.32 5.90 -1.60
N PHE B 52 6.12 5.36 -1.81
CA PHE B 52 4.97 6.24 -2.14
C PHE B 52 4.70 7.34 -1.11
N PRO B 53 4.73 7.01 0.17
CA PRO B 53 4.45 8.10 1.13
C PRO B 53 5.37 9.30 0.93
N GLN B 54 6.66 9.09 0.72
CA GLN B 54 7.55 10.22 0.58
C GLN B 54 7.44 10.88 -0.81
N PHE B 56 4.80 10.90 -2.89
CA PHE B 56 3.50 11.51 -3.17
C PHE B 56 3.41 12.91 -2.56
N GLN B 57 4.24 13.17 -1.57
CA GLN B 57 4.37 14.50 -1.01
C GLN B 57 4.99 15.49 -2.00
N GLN B 58 5.82 15.00 -2.90
CA GLN B 58 6.55 15.83 -3.88
C GLN B 58 5.90 15.95 -5.28
N THR B 59 5.08 14.98 -5.68
CA THR B 59 4.66 14.89 -7.07
C THR B 59 3.45 15.75 -7.28
N SER B 60 3.31 16.33 -8.48
CA SER B 60 2.16 17.16 -8.85
C SER B 60 1.02 16.37 -9.52
N ALA B 61 1.37 15.31 -10.23
CA ALA B 61 0.37 14.42 -10.83
C ALA B 61 0.98 13.04 -11.11
N LEU B 62 0.11 12.07 -11.44
CA LEU B 62 0.46 10.65 -11.52
C LEU B 62 -0.07 10.03 -12.81
N VAL B 63 0.79 9.25 -13.48
CA VAL B 63 0.36 8.44 -14.62
C VAL B 63 0.28 6.98 -14.20
N LEU B 64 -0.86 6.34 -14.45
CA LEU B 64 -1.05 4.93 -14.17
C LEU B 64 -1.33 4.26 -15.53
N ASN B 65 -0.28 3.69 -16.14
CA ASN B 65 -0.34 3.12 -17.47
C ASN B 65 -0.46 1.59 -17.35
N LEU B 66 -1.48 1.03 -17.98
CA LEU B 66 -1.82 -0.41 -17.85
C LEU B 66 -0.92 -1.33 -18.67
N GLY B 67 -0.02 -0.78 -19.48
CA GLY B 67 0.75 -1.58 -20.42
C GLY B 67 1.74 -2.55 -19.77
N HIS B 68 1.98 -3.67 -20.42
CA HIS B 68 2.98 -4.66 -20.00
C HIS B 68 2.77 -5.14 -18.56
N LEU B 69 1.58 -5.65 -18.32
CA LEU B 69 1.20 -6.11 -17.01
C LEU B 69 2.11 -7.24 -16.55
N SER B 70 2.32 -7.31 -15.24
CA SER B 70 3.04 -8.38 -14.59
C SER B 70 2.61 -8.39 -13.12
N GLN B 71 3.01 -9.40 -12.35
CA GLN B 71 2.55 -9.39 -10.98
CA GLN B 71 2.71 -9.46 -10.92
C GLN B 71 3.13 -8.15 -10.26
N GLU B 72 4.36 -7.77 -10.57
CA GLU B 72 4.98 -6.58 -9.97
C GLU B 72 4.26 -5.30 -10.42
N ARG B 73 3.99 -5.18 -11.72
CA ARG B 73 3.30 -3.99 -12.20
C ARG B 73 1.89 -3.88 -11.63
N GLU B 74 1.21 -5.02 -11.49
CA GLU B 74 -0.11 -5.05 -10.88
C GLU B 74 -0.06 -4.52 -9.43
N GLN B 75 0.86 -5.03 -8.61
CA GLN B 75 1.00 -4.55 -7.22
C GLN B 75 1.22 -3.06 -7.16
N SER B 76 2.16 -2.57 -7.98
CA SER B 76 2.47 -1.13 -8.02
C SER B 76 1.28 -0.30 -8.44
N LEU B 77 0.59 -0.73 -9.50
CA LEU B 77 -0.54 0.01 -10.02
C LEU B 77 -1.67 0.08 -9.01
N LEU B 78 -2.01 -1.07 -8.42
CA LEU B 78 -3.12 -1.14 -7.52
C LEU B 78 -2.77 -0.33 -6.26
N ALA B 79 -1.54 -0.48 -5.77
CA ALA B 79 -1.07 0.30 -4.59
C ALA B 79 -1.14 1.79 -4.86
N ALA B 80 -0.58 2.24 -5.99
CA ALA B 80 -0.55 3.66 -6.33
C ALA B 80 -1.98 4.19 -6.57
N SER B 81 -2.84 3.39 -7.19
CA SER B 81 -4.22 3.79 -7.42
C SER B 81 -4.99 4.05 -6.11
N ASP B 82 -4.84 3.15 -5.15
CA ASP B 82 -5.50 3.32 -3.85
C ASP B 82 -4.95 4.57 -3.14
N TYR B 83 -3.63 4.71 -3.12
CA TYR B 83 -3.00 5.81 -2.43
C TYR B 83 -3.40 7.13 -3.08
N ALA B 84 -3.39 7.15 -4.41
CA ALA B 84 -3.80 8.35 -5.16
C ALA B 84 -5.18 8.79 -4.74
N ARG B 85 -6.08 7.82 -4.57
CA ARG B 85 -7.42 8.11 -4.08
C ARG B 85 -7.41 8.62 -2.64
N GLN B 86 -6.66 7.98 -1.73
CA GLN B 86 -6.60 8.44 -0.35
C GLN B 86 -6.13 9.90 -0.26
N VAL B 87 -5.12 10.30 -1.04
CA VAL B 87 -4.53 11.63 -0.88
C VAL B 87 -4.97 12.61 -1.96
N ASN B 88 -5.93 12.23 -2.78
CA ASN B 88 -6.40 13.05 -3.91
C ASN B 88 -5.31 13.54 -4.83
N LYS B 89 -4.45 12.62 -5.25
CA LYS B 89 -3.44 12.95 -6.23
C LYS B 89 -4.10 13.03 -7.61
N LEU B 90 -3.77 14.06 -8.39
CA LEU B 90 -4.26 14.14 -9.78
C LEU B 90 -3.72 12.93 -10.54
N THR B 91 -4.61 12.21 -11.23
CA THR B 91 -4.23 10.90 -11.77
C THR B 91 -4.77 10.76 -13.17
N VAL B 92 -3.90 10.36 -14.10
CA VAL B 92 -4.31 9.95 -15.45
C VAL B 92 -4.13 8.43 -15.52
N VAL B 93 -5.22 7.71 -15.77
CA VAL B 93 -5.21 6.27 -15.95
C VAL B 93 -5.27 6.00 -17.45
N ASP B 94 -4.31 5.24 -17.97
CA ASP B 94 -4.22 4.97 -19.40
C ASP B 94 -4.43 3.47 -19.62
N LEU B 95 -5.56 3.08 -20.21
CA LEU B 95 -6.00 1.68 -20.28
C LEU B 95 -5.36 0.90 -21.44
N VAL B 96 -4.03 0.98 -21.52
CA VAL B 96 -3.29 0.35 -22.61
C VAL B 96 -3.58 -1.15 -22.57
N GLY B 97 -4.12 -1.67 -23.65
CA GLY B 97 -4.39 -3.09 -23.77
C GLY B 97 -5.68 -3.55 -23.13
N TYR B 98 -6.50 -2.63 -22.65
CA TYR B 98 -7.79 -3.03 -22.09
C TYR B 98 -8.53 -3.85 -23.13
N GLY B 99 -9.11 -4.97 -22.72
CA GLY B 99 -9.76 -5.87 -23.65
C GLY B 99 -8.88 -7.04 -24.09
N ALA B 100 -7.57 -6.94 -23.94
CA ALA B 100 -6.68 -8.00 -24.38
C ALA B 100 -6.85 -9.29 -23.54
N SER B 101 -7.19 -9.15 -22.27
CA SER B 101 -7.25 -10.29 -21.35
C SER B 101 -8.07 -9.95 -20.13
N ASP B 102 -8.58 -10.96 -19.46
CA ASP B 102 -9.36 -10.75 -18.25
C ASP B 102 -8.54 -10.07 -17.15
N ILE B 103 -7.27 -10.42 -17.08
CA ILE B 103 -6.42 -9.92 -16.01
C ILE B 103 -6.17 -8.42 -16.20
N ARG B 104 -5.91 -7.98 -17.42
CA ARG B 104 -5.82 -6.55 -17.70
C ARG B 104 -7.12 -5.83 -17.36
N ASN B 105 -8.24 -6.40 -17.77
CA ASN B 105 -9.51 -5.76 -17.56
C ASN B 105 -9.83 -5.62 -16.08
N GLU B 106 -9.50 -6.64 -15.31
CA GLU B 106 -9.70 -6.60 -13.85
C GLU B 106 -8.89 -5.48 -13.21
N VAL B 107 -7.63 -5.35 -13.62
CA VAL B 107 -6.78 -4.31 -13.06
C VAL B 107 -7.31 -2.97 -13.51
N GLY B 108 -7.60 -2.84 -14.80
CA GLY B 108 -8.14 -1.60 -15.37
C GLY B 108 -9.36 -1.09 -14.62
N GLU B 109 -10.31 -1.98 -14.38
CA GLU B 109 -11.53 -1.61 -13.70
C GLU B 109 -11.23 -1.05 -12.33
N LYS B 110 -10.29 -1.69 -11.65
CA LYS B 110 -9.94 -1.21 -10.33
C LYS B 110 -9.37 0.22 -10.37
N LEU B 111 -8.55 0.52 -11.35
CA LEU B 111 -7.97 1.84 -11.48
C LEU B 111 -9.05 2.89 -11.71
N VAL B 112 -10.02 2.60 -12.59
CA VAL B 112 -11.11 3.53 -12.88
C VAL B 112 -12.04 3.64 -11.68
N HIS B 113 -12.21 2.54 -10.94
CA HIS B 113 -13.07 2.55 -9.76
C HIS B 113 -12.56 3.53 -8.70
N ASN B 114 -11.26 3.74 -8.60
CA ASN B 114 -10.72 4.74 -7.67
C ASN B 114 -10.84 6.18 -8.20
N GLN B 115 -11.58 6.38 -9.29
CA GLN B 115 -12.05 7.73 -9.64
C GLN B 115 -10.92 8.70 -10.00
N PRO B 116 -10.14 8.36 -11.02
CA PRO B 116 -9.03 9.25 -11.39
C PRO B 116 -9.47 10.53 -12.14
N THR B 117 -8.58 11.52 -12.25
CA THR B 117 -8.93 12.77 -12.94
C THR B 117 -9.26 12.48 -14.41
N VAL B 118 -8.45 11.63 -15.04
CA VAL B 118 -8.66 11.26 -16.46
C VAL B 118 -8.50 9.76 -16.69
N VAL B 119 -9.41 9.19 -17.48
CA VAL B 119 -9.27 7.84 -18.00
C VAL B 119 -9.14 7.97 -19.51
N LYS B 120 -8.24 7.20 -20.07
CA LYS B 120 -7.81 7.42 -21.42
C LYS B 120 -7.56 6.06 -22.09
N GLY B 121 -7.82 5.99 -23.38
CA GLY B 121 -7.42 4.85 -24.16
C GLY B 121 -7.66 5.12 -25.63
N ASN B 122 -7.39 4.13 -26.47
CA ASN B 122 -7.76 4.25 -27.86
C ASN B 122 -9.21 3.80 -28.01
N LEU B 123 -9.75 4.00 -29.19
CA LEU B 123 -11.15 3.74 -29.45
C LEU B 123 -11.51 2.33 -29.06
N SER B 124 -10.65 1.40 -29.47
CA SER B 124 -10.92 0.02 -29.20
C SER B 124 -11.01 -0.27 -27.72
N GLU B 125 -10.03 0.24 -26.98
CA GLU B 125 -9.93 0.02 -25.54
C GLU B 125 -11.10 0.64 -24.81
N ARG B 127 -14.04 1.51 -26.06
CA ARG B 127 -15.31 0.92 -26.45
C ARG B 127 -15.51 -0.32 -25.59
N THR B 128 -14.46 -1.13 -25.53
CA THR B 128 -14.46 -2.35 -24.74
C THR B 128 -14.72 -2.07 -23.27
N PHE B 129 -14.07 -1.04 -22.74
CA PHE B 129 -14.36 -0.61 -21.39
C PHE B 129 -15.84 -0.25 -21.18
N CYS B 130 -16.45 0.40 -22.19
CA CYS B 130 -17.88 0.71 -22.15
C CYS B 130 -18.80 -0.48 -22.47
N GLN B 131 -18.22 -1.68 -22.65
CA GLN B 131 -18.98 -2.89 -22.99
C GLN B 131 -19.67 -2.72 -24.33
N LEU B 132 -18.96 -2.21 -25.32
CA LEU B 132 -19.43 -2.14 -26.70
C LEU B 132 -18.59 -3.14 -27.48
N VAL B 133 -19.05 -3.52 -28.67
CA VAL B 133 -18.29 -4.42 -29.52
C VAL B 133 -17.18 -3.59 -30.18
N SER B 134 -16.10 -4.23 -30.61
CA SER B 134 -14.99 -3.52 -31.28
C SER B 134 -14.58 -4.17 -32.63
N HIS B 135 -15.08 -3.63 -33.74
CA HIS B 135 -14.98 -4.29 -35.05
C HIS B 135 -13.76 -3.85 -35.85
N PRO B 143 -11.48 2.30 -39.73
CA PRO B 143 -12.25 1.18 -39.16
C PRO B 143 -13.76 1.51 -39.05
N LEU B 144 -14.60 0.47 -39.05
CA LEU B 144 -16.07 0.63 -38.94
C LEU B 144 -16.41 1.49 -37.71
N ASP B 145 -15.67 1.26 -36.62
CA ASP B 145 -15.88 1.92 -35.34
C ASP B 145 -15.62 3.43 -35.33
N GLN B 146 -14.90 3.94 -36.34
CA GLN B 146 -14.66 5.39 -36.45
C GLN B 146 -15.78 6.13 -37.23
N SER B 147 -16.86 5.42 -37.59
CA SER B 147 -18.02 6.04 -38.26
C SER B 147 -18.74 7.05 -37.39
N GLU B 148 -19.47 7.97 -38.01
CA GLU B 148 -20.27 8.96 -37.24
C GLU B 148 -21.28 8.25 -36.33
N GLU B 149 -21.78 7.09 -36.75
CA GLU B 149 -22.71 6.31 -35.94
C GLU B 149 -21.97 5.80 -34.70
N ALA B 150 -20.84 5.14 -34.93
CA ALA B 150 -20.03 4.55 -33.86
C ALA B 150 -19.52 5.60 -32.87
N ILE B 151 -19.05 6.74 -33.37
CA ILE B 151 -18.60 7.82 -32.48
C ILE B 151 -19.76 8.27 -31.57
N GLU B 152 -20.94 8.40 -32.14
CA GLU B 152 -22.12 8.81 -31.36
C GLU B 152 -22.41 7.76 -30.29
N GLU B 153 -22.31 6.49 -30.66
CA GLU B 153 -22.55 5.39 -29.72
C GLU B 153 -21.62 5.46 -28.52
N LEU B 154 -20.33 5.70 -28.79
CA LEU B 154 -19.29 5.82 -27.75
C LEU B 154 -19.50 7.06 -26.89
N ILE B 155 -19.90 8.18 -27.51
CA ILE B 155 -20.17 9.41 -26.75
C ILE B 155 -21.28 9.14 -25.72
N GLN B 156 -22.29 8.39 -26.13
CA GLN B 156 -23.42 8.11 -25.26
C GLN B 156 -23.00 7.14 -24.16
N ALA B 157 -22.18 6.14 -24.55
CA ALA B 157 -21.60 5.21 -23.58
C ALA B 157 -20.77 5.95 -22.50
N LEU B 158 -19.88 6.85 -22.95
CA LEU B 158 -19.00 7.54 -22.01
C LEU B 158 -19.80 8.48 -21.13
N ARG B 159 -20.87 9.05 -21.68
CA ARG B 159 -21.78 9.87 -20.87
C ARG B 159 -22.40 9.08 -19.71
N GLN B 160 -22.79 7.84 -19.97
CA GLN B 160 -23.24 6.97 -18.91
C GLN B 160 -22.15 6.72 -17.86
N GLN B 161 -20.90 6.63 -18.31
CA GLN B 161 -19.82 6.41 -17.38
C GLN B 161 -19.63 7.63 -16.51
N THR B 162 -19.77 8.82 -17.08
CA THR B 162 -19.58 10.04 -16.29
C THR B 162 -20.63 10.11 -15.17
N GLN B 163 -21.74 9.40 -15.35
CA GLN B 163 -22.71 9.26 -14.25
C GLN B 163 -22.11 8.53 -13.07
N LYS B 164 -21.44 7.40 -13.32
CA LYS B 164 -20.78 6.66 -12.22
C LYS B 164 -19.52 7.36 -11.78
N PHE B 165 -18.88 8.08 -12.70
CA PHE B 165 -17.56 8.66 -12.40
C PHE B 165 -17.60 10.15 -12.70
N PRO B 166 -18.26 10.93 -11.82
CA PRO B 166 -18.70 12.27 -12.18
C PRO B 166 -17.62 13.31 -12.26
N GLN B 167 -16.45 13.01 -11.72
CA GLN B 167 -15.37 13.97 -11.70
C GLN B 167 -14.24 13.51 -12.59
N THR B 168 -14.53 12.64 -13.55
CA THR B 168 -13.52 12.05 -14.42
C THR B 168 -13.77 12.46 -15.86
N VAL B 169 -12.71 12.85 -16.54
CA VAL B 169 -12.78 13.10 -17.96
C VAL B 169 -12.28 11.85 -18.73
N PHE B 170 -13.06 11.44 -19.72
CA PHE B 170 -12.73 10.27 -20.53
C PHE B 170 -12.21 10.69 -21.91
N LEU B 171 -11.09 10.09 -22.35
CA LEU B 171 -10.44 10.39 -23.64
C LEU B 171 -10.27 9.11 -24.44
N ALA B 172 -10.89 9.07 -25.61
CA ALA B 172 -10.74 7.98 -26.58
C ALA B 172 -9.97 8.55 -27.75
N THR B 173 -8.85 7.94 -28.09
CA THR B 173 -8.03 8.48 -29.14
C THR B 173 -8.20 7.72 -30.45
N GLY B 174 -8.02 8.44 -31.56
CA GLY B 174 -8.12 7.86 -32.88
C GLY B 174 -8.03 8.92 -33.96
N ILE B 175 -8.54 8.61 -35.17
CA ILE B 175 -8.53 9.57 -36.29
C ILE B 175 -9.24 10.84 -35.77
N GLN B 176 -10.41 10.66 -35.21
CA GLN B 176 -10.97 11.68 -34.35
C GLN B 176 -10.80 11.24 -32.90
N ASP B 177 -10.55 12.19 -32.02
CA ASP B 177 -10.44 11.94 -30.60
C ASP B 177 -11.76 12.35 -29.93
N VAL B 178 -12.26 11.53 -29.01
CA VAL B 178 -13.50 11.83 -28.32
C VAL B 178 -13.22 12.11 -26.84
N LEU B 179 -13.60 13.31 -26.36
CA LEU B 179 -13.46 13.66 -24.95
C LEU B 179 -14.85 13.88 -24.33
N VAL B 180 -15.12 13.22 -23.21
CA VAL B 180 -16.41 13.33 -22.56
C VAL B 180 -16.26 13.58 -21.05
N SER B 181 -16.98 14.57 -20.55
CA SER B 181 -17.11 14.82 -19.10
C SER B 181 -18.58 14.88 -18.80
N GLN B 182 -18.92 15.14 -17.54
CA GLN B 182 -20.34 15.31 -17.20
C GLN B 182 -20.89 16.51 -17.90
N GLU B 183 -20.04 17.50 -18.12
CA GLU B 183 -20.47 18.79 -18.58
C GLU B 183 -20.26 18.98 -20.07
N GLN B 184 -19.26 18.32 -20.66
CA GLN B 184 -18.93 18.56 -22.05
C GLN B 184 -18.68 17.33 -22.91
N VAL B 185 -18.85 17.51 -24.21
CA VAL B 185 -18.44 16.53 -25.20
C VAL B 185 -17.64 17.31 -26.28
N ILE B 186 -16.40 16.90 -26.52
CA ILE B 186 -15.56 17.55 -27.54
C ILE B 186 -14.98 16.49 -28.45
N VAL B 187 -15.06 16.70 -29.76
CA VAL B 187 -14.40 15.83 -30.74
C VAL B 187 -13.27 16.61 -31.40
N LEU B 188 -12.06 16.05 -31.39
CA LEU B 188 -10.87 16.70 -31.95
C LEU B 188 -10.47 15.97 -33.22
N GLN B 189 -9.89 16.71 -34.17
CA GLN B 189 -9.64 16.19 -35.52
C GLN B 189 -8.27 16.54 -36.05
N ASN B 190 -7.25 16.58 -35.20
CA ASN B 190 -5.88 16.85 -35.64
C ASN B 190 -5.02 15.59 -35.81
N GLY B 191 -3.79 15.77 -36.27
CA GLY B 191 -2.82 14.71 -36.34
C GLY B 191 -2.75 14.08 -37.71
N VAL B 192 -1.94 13.03 -37.84
CA VAL B 192 -1.72 12.33 -39.11
C VAL B 192 -1.68 10.82 -38.85
N PRO B 193 -1.95 10.01 -39.87
CA PRO B 193 -1.97 8.54 -39.66
C PRO B 193 -0.64 7.92 -39.19
N GLU B 194 0.48 8.59 -39.50
CA GLU B 194 1.81 8.10 -39.13
C GLU B 194 2.01 8.06 -37.61
N LEU B 195 1.15 8.75 -36.87
CA LEU B 195 1.19 8.70 -35.41
C LEU B 195 0.85 7.32 -34.86
N ASP B 196 0.31 6.45 -35.71
CA ASP B 196 0.14 5.04 -35.36
C ASP B 196 1.31 4.18 -35.74
N CYS B 197 2.39 4.74 -36.27
CA CYS B 197 3.49 3.92 -36.81
C CYS B 197 4.81 4.04 -36.08
N PHE B 198 4.74 4.57 -34.87
CA PHE B 198 5.81 4.36 -33.91
C PHE B 198 5.23 4.16 -32.53
N THR B 199 6.00 3.49 -31.68
CA THR B 199 5.48 3.02 -30.43
C THR B 199 5.39 4.15 -29.39
N GLY B 200 4.28 4.20 -28.65
CA GLY B 200 4.16 5.07 -27.49
C GLY B 200 3.45 6.41 -27.64
N THR B 201 2.89 6.67 -28.82
CA THR B 201 2.22 7.96 -29.05
C THR B 201 1.06 8.15 -28.07
N GLY B 202 0.28 7.10 -27.84
CA GLY B 202 -0.77 7.13 -26.83
C GLY B 202 -0.25 7.24 -25.41
N ASP B 203 0.84 6.50 -25.13
CA ASP B 203 1.45 6.56 -23.81
C ASP B 203 1.88 7.99 -23.55
N LEU B 204 2.53 8.62 -24.55
CA LEU B 204 3.06 9.98 -24.35
C LEU B 204 1.92 11.00 -24.18
N VAL B 205 0.82 10.81 -24.89
CA VAL B 205 -0.30 11.73 -24.73
C VAL B 205 -0.79 11.71 -23.28
N GLY B 206 -0.89 10.52 -22.71
CA GLY B 206 -1.22 10.38 -21.29
C GLY B 206 -0.26 11.19 -20.43
N ALA B 207 1.03 11.08 -20.70
CA ALA B 207 2.00 11.81 -19.86
C ALA B 207 1.76 13.32 -20.03
N LEU B 208 1.46 13.74 -21.27
CA LEU B 208 1.27 15.16 -21.51
C LEU B 208 0.03 15.67 -20.79
N VAL B 209 -1.04 14.89 -20.82
CA VAL B 209 -2.22 15.25 -20.03
C VAL B 209 -1.86 15.43 -18.56
N ALA B 210 -1.09 14.49 -18.00
CA ALA B 210 -0.67 14.56 -16.60
C ALA B 210 0.17 15.81 -16.34
N ALA B 211 1.08 16.12 -17.27
CA ALA B 211 1.93 17.30 -17.15
C ALA B 211 1.09 18.57 -17.07
N LEU B 212 0.09 18.70 -17.93
CA LEU B 212 -0.75 19.89 -17.94
C LEU B 212 -1.63 19.97 -16.70
N LEU B 213 -2.19 18.84 -16.25
CA LEU B 213 -2.84 18.79 -14.92
C LEU B 213 -1.85 19.27 -13.83
N GLY B 214 -0.63 18.75 -13.87
CA GLY B 214 0.35 19.10 -12.86
C GLY B 214 0.67 20.59 -12.81
N GLU B 215 0.71 21.22 -13.97
CA GLU B 215 0.97 22.65 -14.08
C GLU B 215 -0.18 23.49 -13.51
N GLY B 216 -1.38 22.92 -13.45
CA GLY B 216 -2.51 23.60 -12.83
C GLY B 216 -3.73 23.82 -13.70
N ASN B 217 -3.80 23.19 -14.86
CA ASN B 217 -4.96 23.33 -15.72
C ASN B 217 -6.16 22.50 -15.28
N ALA B 218 -7.36 22.95 -15.65
CA ALA B 218 -8.58 22.17 -15.42
C ALA B 218 -8.56 20.95 -16.32
N PRO B 219 -9.23 19.87 -15.89
CA PRO B 219 -9.07 18.57 -16.55
C PRO B 219 -9.31 18.60 -18.04
N THR B 221 -9.45 20.98 -20.14
CA THR B 221 -8.40 21.77 -20.81
C THR B 221 -7.08 21.01 -20.96
N ALA B 222 -6.63 20.35 -19.89
CA ALA B 222 -5.40 19.57 -19.97
C ALA B 222 -5.50 18.52 -21.07
N ALA B 223 -6.64 17.85 -21.14
CA ALA B 223 -6.84 16.76 -22.08
C ALA B 223 -6.85 17.30 -23.50
N VAL B 224 -7.66 18.34 -23.73
CA VAL B 224 -7.78 18.90 -25.08
C VAL B 224 -6.43 19.47 -25.55
N ALA B 225 -5.75 20.22 -24.68
CA ALA B 225 -4.47 20.85 -25.03
C ALA B 225 -3.40 19.79 -25.26
N ALA B 226 -3.38 18.73 -24.46
CA ALA B 226 -2.35 17.69 -24.62
C ALA B 226 -2.51 17.00 -25.96
N VAL B 227 -3.70 16.46 -26.19
CA VAL B 227 -3.98 15.77 -27.43
C VAL B 227 -3.70 16.70 -28.64
N SER B 228 -4.23 17.93 -28.56
CA SER B 228 -4.08 18.89 -29.67
C SER B 228 -2.62 19.21 -29.95
N TYR B 229 -1.85 19.48 -28.90
CA TYR B 229 -0.46 19.84 -29.06
C TYR B 229 0.32 18.71 -29.64
N PHE B 230 0.11 17.52 -29.10
CA PHE B 230 0.88 16.38 -29.53
C PHE B 230 0.57 16.10 -31.00
N ASN B 231 -0.70 16.13 -31.35
CA ASN B 231 -1.10 15.89 -32.73
C ASN B 231 -0.65 16.97 -33.71
N LEU B 232 -0.62 18.22 -33.27
CA LEU B 232 -0.09 19.30 -34.12
C LEU B 232 1.42 19.14 -34.29
N CYS B 233 2.10 18.61 -33.28
CA CYS B 233 3.51 18.23 -33.45
C CYS B 233 3.66 17.17 -34.56
N GLY B 234 2.70 16.25 -34.62
CA GLY B 234 2.69 15.25 -35.69
C GLY B 234 2.56 15.89 -37.05
N GLU B 235 1.56 16.76 -37.20
CA GLU B 235 1.29 17.46 -38.45
C GLU B 235 2.55 18.21 -38.96
N LYS B 236 3.20 18.98 -38.10
CA LYS B 236 4.43 19.68 -38.46
C LYS B 236 5.52 18.68 -38.84
N ALA B 237 5.69 17.63 -38.03
CA ALA B 237 6.72 16.62 -38.31
C ALA B 237 6.55 16.00 -39.69
N LYS B 238 5.30 15.71 -40.06
CA LYS B 238 5.06 15.06 -41.34
C LYS B 238 5.59 15.90 -42.50
N THR B 239 5.41 17.22 -42.41
CA THR B 239 5.89 18.12 -43.45
C THR B 239 7.42 18.15 -43.54
N LYS B 240 8.14 17.76 -42.50
CA LYS B 240 9.62 17.81 -42.50
C LYS B 240 10.33 16.46 -42.68
N SER B 241 9.59 15.37 -42.85
CA SER B 241 10.15 14.03 -42.58
C SER B 241 10.03 13.13 -43.80
N GLN B 242 10.99 12.22 -43.99
CA GLN B 242 10.87 11.16 -45.00
C GLN B 242 11.32 9.86 -44.30
N GLY B 243 10.39 8.91 -44.15
CA GLY B 243 10.63 7.72 -43.37
C GLY B 243 10.03 7.80 -41.97
N LEU B 244 9.63 6.66 -41.44
CA LEU B 244 8.96 6.60 -40.15
C LEU B 244 9.86 6.94 -38.95
N ALA B 245 11.07 6.36 -38.88
CA ALA B 245 12.02 6.76 -37.85
C ALA B 245 12.21 8.28 -37.83
N ASP B 246 12.41 8.85 -39.01
CA ASP B 246 12.63 10.28 -39.17
C ASP B 246 11.36 11.06 -38.73
N PHE B 247 10.18 10.57 -39.10
CA PHE B 247 8.93 11.16 -38.60
C PHE B 247 8.85 11.15 -37.06
N ARG B 248 9.19 10.02 -36.45
CA ARG B 248 9.15 9.89 -34.99
C ARG B 248 10.08 10.91 -34.34
N GLN B 249 11.31 10.94 -34.85
CA GLN B 249 12.31 11.86 -34.36
C GLN B 249 11.79 13.31 -34.38
N ASN B 250 11.16 13.69 -35.49
CA ASN B 250 10.71 15.07 -35.66
C ASN B 250 9.48 15.37 -34.85
N THR B 251 8.60 14.40 -34.71
CA THR B 251 7.48 14.57 -33.81
C THR B 251 7.96 14.87 -32.40
N LEU B 252 8.93 14.10 -31.90
CA LEU B 252 9.42 14.33 -30.53
C LEU B 252 10.14 15.68 -30.47
N ASN B 253 10.88 16.00 -31.52
CA ASN B 253 11.57 17.27 -31.57
C ASN B 253 10.62 18.45 -31.50
N GLN B 254 9.51 18.38 -32.24
CA GLN B 254 8.52 19.43 -32.22
C GLN B 254 7.89 19.67 -30.85
N LEU B 255 7.93 18.67 -29.96
CA LEU B 255 7.42 18.88 -28.62
C LEU B 255 8.09 20.08 -27.97
N SER B 256 9.38 20.26 -28.25
CA SER B 256 10.08 21.39 -27.67
C SER B 256 10.03 22.63 -28.54
N LEU B 257 9.57 22.55 -29.79
CA LEU B 257 9.65 23.68 -30.73
C LEU B 257 8.29 24.32 -31.03
N LEU B 258 7.28 23.53 -31.35
CA LEU B 258 5.98 24.06 -31.80
C LEU B 258 5.42 25.13 -30.83
N LYS B 260 6.95 27.37 -29.28
CA LYS B 260 7.56 28.66 -29.53
C LYS B 260 6.79 29.51 -30.56
N GLU B 261 5.99 28.90 -31.45
CA GLU B 261 5.14 29.66 -32.37
C GLU B 261 3.97 30.25 -31.59
N LYS B 262 3.92 31.59 -31.49
CA LYS B 262 2.88 32.31 -30.73
C LYS B 262 1.43 31.78 -31.00
N ASP B 263 1.20 31.26 -32.20
CA ASP B 263 -0.13 30.91 -32.66
C ASP B 263 -0.29 29.43 -33.12
N TRP B 264 0.48 28.52 -32.52
CA TRP B 264 0.43 27.10 -32.89
C TRP B 264 -0.99 26.54 -32.85
N PHE B 265 -1.76 26.98 -31.87
CA PHE B 265 -3.09 26.45 -31.60
C PHE B 265 -4.13 26.86 -32.61
N GLU B 266 -3.81 27.84 -33.45
CA GLU B 266 -4.72 28.23 -34.53
C GLU B 266 -5.01 27.07 -35.47
N ALA B 267 -4.13 26.07 -35.51
CA ALA B 267 -4.32 24.92 -36.39
C ALA B 267 -5.28 23.87 -35.80
N VAL B 268 -5.73 24.07 -34.56
CA VAL B 268 -6.58 23.07 -33.91
C VAL B 268 -7.90 22.91 -34.67
N LYS B 269 -8.31 21.66 -34.96
CA LYS B 269 -9.62 21.37 -35.56
C LYS B 269 -10.45 20.54 -34.59
N GLY B 270 -11.61 21.03 -34.18
CA GLY B 270 -12.51 20.26 -33.35
C GLY B 270 -13.76 21.01 -32.92
N ARG B 271 -14.85 20.27 -32.70
CA ARG B 271 -16.14 20.81 -32.33
C ARG B 271 -16.37 20.55 -30.86
N VAL B 272 -17.02 21.50 -30.18
CA VAL B 272 -17.67 21.25 -28.89
C VAL B 272 -19.11 20.86 -29.19
N LEU B 273 -19.49 19.60 -29.01
CA LEU B 273 -20.85 19.19 -29.35
C LEU B 273 -21.84 19.66 -28.30
#